data_3LIQ
#
_entry.id   3LIQ
#
_cell.length_a   77.950
_cell.length_b   77.950
_cell.length_c   163.204
_cell.angle_alpha   90.00
_cell.angle_beta   90.00
_cell.angle_gamma   120.00
#
_symmetry.space_group_name_H-M   'P 63 2 2'
#
loop_
_entity.id
_entity.type
_entity.pdbx_description
1 polymer Protease
2 non-polymer '(4R)-3-[(2S,3S)-3-[[(2S)-2-[[(2S)-2-azanyl-2-phenyl-ethanoyl]amino]-3,3-dimethyl-butanoyl]amino]-2-hydroxy-4-phenyl-but anoyl]-5,5-dimethyl-N-(2-methylpropyl)-1,3-thiazolidine-4-carboxamide'
3 water water
#
_entity_poly.entity_id   1
_entity_poly.type   'polypeptide(L)'
_entity_poly.pdbx_seq_one_letter_code
;PVIPLDPARRPVIKAQVDTQTSHPKTIEALLDTGADMTVIPIALFSSNTPLKNTSVLGAGGQTQDHFKLTSLPVLIRLPF
RTTPIVLTSCLVDTKNNWAIIGRDALQQCQGVLYLP
;
_entity_poly.pdbx_strand_id   A,B
#
# COMPACT_ATOMS: atom_id res chain seq x y z
N PRO A 1 4.68 12.77 -13.49
CA PRO A 1 5.98 12.15 -13.74
C PRO A 1 5.90 10.62 -13.83
N VAL A 2 7.01 10.01 -14.24
CA VAL A 2 7.24 8.59 -14.06
C VAL A 2 7.98 8.38 -12.72
N ILE A 3 7.37 7.65 -11.79
CA ILE A 3 8.01 7.36 -10.48
C ILE A 3 8.50 5.91 -10.39
N PRO A 4 9.83 5.70 -10.40
CA PRO A 4 10.44 4.37 -10.31
C PRO A 4 10.18 3.75 -8.94
N LEU A 5 10.09 2.42 -8.89
CA LEU A 5 9.75 1.76 -7.64
C LEU A 5 10.95 0.98 -7.12
N ASP A 6 11.25 1.15 -5.84
CA ASP A 6 12.52 0.71 -5.25
C ASP A 6 12.15 0.40 -3.79
N PRO A 7 12.47 -0.82 -3.31
CA PRO A 7 12.12 -1.17 -1.92
C PRO A 7 12.78 -0.26 -0.87
N ALA A 8 13.95 0.29 -1.19
CA ALA A 8 14.73 1.10 -0.26
C ALA A 8 14.27 2.57 -0.19
N ARG A 9 13.50 3.02 -1.18
CA ARG A 9 13.01 4.39 -1.18
C ARG A 9 11.51 4.44 -1.37
N ARG A 10 10.80 4.92 -0.37
CA ARG A 10 9.35 5.13 -0.46
C ARG A 10 8.94 6.11 -1.57
N PRO A 11 7.99 5.73 -2.43
CA PRO A 11 7.55 6.69 -3.47
C PRO A 11 6.70 7.84 -2.87
N VAL A 12 7.25 9.05 -2.86
CA VAL A 12 6.62 10.17 -2.17
C VAL A 12 6.31 11.34 -3.12
N ILE A 13 5.33 12.16 -2.76
CA ILE A 13 5.04 13.38 -3.48
C ILE A 13 4.71 14.52 -2.49
N LYS A 14 4.92 15.77 -2.91
CA LYS A 14 4.47 16.93 -2.15
C LYS A 14 3.07 17.24 -2.60
N ALA A 15 2.15 17.32 -1.66
CA ALA A 15 0.74 17.55 -1.93
C ALA A 15 0.26 18.69 -1.05
N GLN A 16 -0.48 19.63 -1.62
CA GLN A 16 -1.15 20.67 -0.84
C GLN A 16 -2.57 20.24 -0.49
N VAL A 17 -2.81 20.08 0.79
CA VAL A 17 -4.04 19.50 1.30
C VAL A 17 -4.85 20.60 2.00
N ASP A 18 -6.09 20.78 1.54
CA ASP A 18 -7.04 21.71 2.15
C ASP A 18 -8.18 20.91 2.80
N THR A 19 -8.15 20.83 4.13
CA THR A 19 -9.20 20.16 4.92
C THR A 19 -10.48 20.96 5.03
N GLN A 20 -10.42 22.22 4.59
CA GLN A 20 -11.52 23.17 4.67
C GLN A 20 -11.88 23.50 6.12
N THR A 21 -10.95 23.23 7.03
CA THR A 21 -11.16 23.52 8.44
C THR A 21 -10.07 24.42 8.98
N SER A 22 -9.03 24.63 8.17
CA SER A 22 -7.95 25.58 8.44
C SER A 22 -7.19 25.85 7.13
N HIS A 23 -6.07 26.57 7.23
CA HIS A 23 -5.26 26.95 6.05
C HIS A 23 -4.59 25.75 5.38
N PRO A 24 -4.67 25.65 4.03
CA PRO A 24 -4.02 24.54 3.28
C PRO A 24 -2.52 24.47 3.58
N LYS A 25 -2.00 23.26 3.78
CA LYS A 25 -0.59 23.02 4.03
C LYS A 25 -0.08 22.03 3.00
N THR A 26 1.15 22.26 2.53
CA THR A 26 1.90 21.31 1.73
C THR A 26 2.62 20.29 2.64
N ILE A 27 2.38 19.00 2.36
CA ILE A 27 2.96 17.89 3.11
C ILE A 27 3.52 16.83 2.18
N GLU A 28 4.36 15.95 2.73
CA GLU A 28 4.91 14.85 1.96
C GLU A 28 4.02 13.64 2.16
N ALA A 29 3.62 13.01 1.07
CA ALA A 29 2.69 11.91 1.18
C ALA A 29 3.22 10.70 0.40
N LEU A 30 3.03 9.51 0.99
CA LEU A 30 3.32 8.22 0.32
C LEU A 30 2.30 7.93 -0.78
N LEU A 31 2.79 7.55 -1.96
CA LEU A 31 1.89 7.12 -3.03
C LEU A 31 1.65 5.63 -2.91
N ASP A 32 0.40 5.27 -2.69
CA ASP A 32 0.07 3.92 -2.23
C ASP A 32 -1.08 3.28 -3.01
N THR A 33 -0.75 2.34 -3.89
CA THR A 33 -1.77 1.62 -4.67
C THR A 33 -2.56 0.60 -3.83
N GLY A 34 -2.02 0.24 -2.65
CA GLY A 34 -2.69 -0.71 -1.75
C GLY A 34 -3.71 -0.06 -0.81
N ALA A 35 -3.78 1.28 -0.79
CA ALA A 35 -4.75 2.06 0.02
C ALA A 35 -6.06 2.38 -0.74
N ASP A 36 -7.21 1.93 -0.22
CA ASP A 36 -8.51 2.25 -0.84
C ASP A 36 -8.81 3.76 -0.69
N MET A 37 -8.36 4.35 0.41
CA MET A 37 -8.76 5.70 0.81
C MET A 37 -7.53 6.45 1.31
N THR A 38 -7.46 7.73 0.95
CA THR A 38 -6.39 8.63 1.39
C THR A 38 -6.41 8.88 2.91
N VAL A 39 -5.20 9.01 3.49
CA VAL A 39 -4.97 9.30 4.90
C VAL A 39 -4.29 10.69 5.08
N ILE A 40 -4.88 11.54 5.92
CA ILE A 40 -4.37 12.89 6.22
C ILE A 40 -4.04 12.96 7.71
N PRO A 41 -2.88 13.55 8.08
CA PRO A 41 -2.54 13.76 9.51
C PRO A 41 -3.53 14.70 10.22
N ILE A 42 -3.96 14.34 11.44
CA ILE A 42 -4.88 15.19 12.22
C ILE A 42 -4.39 16.64 12.41
N ALA A 43 -3.07 16.82 12.46
CA ALA A 43 -2.45 18.16 12.59
C ALA A 43 -3.02 19.14 11.58
N LEU A 44 -3.49 18.64 10.42
CA LEU A 44 -3.96 19.52 9.32
C LEU A 44 -5.37 20.10 9.54
N PHE A 45 -6.03 19.66 10.61
CA PHE A 45 -7.40 20.07 10.93
C PHE A 45 -7.40 21.00 12.14
N SER A 46 -8.40 21.87 12.25
CA SER A 46 -8.58 22.67 13.44
C SER A 46 -8.99 21.77 14.60
N SER A 47 -8.59 22.15 15.81
CA SER A 47 -8.76 21.34 17.03
C SER A 47 -10.19 20.88 17.33
N ASN A 48 -11.17 21.71 17.00
CA ASN A 48 -12.54 21.40 17.34
C ASN A 48 -13.42 20.68 16.26
N THR A 49 -12.86 20.36 15.07
CA THR A 49 -13.74 19.85 13.97
C THR A 49 -14.33 18.48 14.20
N PRO A 50 -15.62 18.33 13.88
CA PRO A 50 -16.25 17.03 14.02
C PRO A 50 -15.67 15.99 13.05
N LEU A 51 -15.32 14.83 13.60
CA LEU A 51 -14.87 13.67 12.84
C LEU A 51 -15.74 12.49 13.25
N LYS A 52 -15.78 11.47 12.42
CA LYS A 52 -16.56 10.27 12.71
C LYS A 52 -15.65 9.14 13.17
N ASN A 53 -16.12 8.32 14.10
CA ASN A 53 -15.47 7.06 14.45
C ASN A 53 -15.41 6.10 13.26
N THR A 54 -14.30 5.39 13.15
CA THR A 54 -14.16 4.40 12.08
C THR A 54 -13.29 3.22 12.49
N SER A 55 -13.52 2.07 11.87
CA SER A 55 -12.65 0.91 12.05
C SER A 55 -11.87 0.60 10.77
N VAL A 56 -10.57 0.35 10.91
CA VAL A 56 -9.69 0.15 9.75
C VAL A 56 -8.91 -1.17 9.89
N LEU A 57 -8.95 -1.98 8.84
CA LEU A 57 -8.11 -3.17 8.75
C LEU A 57 -6.80 -2.85 8.04
N GLY A 58 -5.67 -3.13 8.69
CA GLY A 58 -4.36 -2.91 8.12
C GLY A 58 -3.47 -4.08 8.49
N ALA A 59 -2.21 -4.06 8.02
CA ALA A 59 -1.25 -5.16 8.27
C ALA A 59 -1.05 -5.52 9.74
N GLY A 60 -1.09 -4.55 10.64
CA GLY A 60 -0.92 -4.90 12.06
C GLY A 60 -2.15 -5.39 12.84
N GLY A 61 -3.30 -5.52 12.16
CA GLY A 61 -4.56 -5.82 12.83
C GLY A 61 -5.65 -4.79 12.55
N GLN A 62 -6.74 -4.90 13.29
CA GLN A 62 -7.91 -4.04 13.13
C GLN A 62 -7.83 -2.96 14.18
N THR A 63 -7.85 -1.71 13.75
CA THR A 63 -7.85 -0.62 14.73
C THR A 63 -9.15 0.17 14.72
N GLN A 64 -9.65 0.42 15.93
CA GLN A 64 -10.93 1.09 16.13
C GLN A 64 -10.74 2.57 16.43
N ASP A 65 -9.52 2.94 16.78
CA ASP A 65 -9.30 4.26 17.38
C ASP A 65 -8.17 5.10 16.77
N HIS A 66 -7.34 4.48 15.95
CA HIS A 66 -6.21 5.14 15.30
C HIS A 66 -6.70 6.14 14.23
N PHE A 67 -7.74 5.78 13.48
CA PHE A 67 -8.21 6.64 12.37
C PHE A 67 -9.62 7.17 12.62
N LYS A 68 -9.88 8.38 12.12
CA LYS A 68 -11.24 8.90 12.01
C LYS A 68 -11.59 9.11 10.53
N LEU A 69 -12.86 9.40 10.28
CA LEU A 69 -13.36 9.82 8.99
C LEU A 69 -13.69 11.31 9.08
N THR A 70 -13.45 12.04 7.99
CA THR A 70 -13.74 13.48 7.89
C THR A 70 -15.24 13.72 7.79
N SER A 71 -15.65 14.95 8.12
CA SER A 71 -17.03 15.41 7.91
C SER A 71 -17.17 16.24 6.63
N LEU A 72 -16.12 16.94 6.22
CA LEU A 72 -16.14 17.78 5.01
C LEU A 72 -15.25 17.17 3.93
N PRO A 73 -15.52 17.50 2.65
CA PRO A 73 -14.54 17.08 1.63
C PRO A 73 -13.15 17.68 1.86
N VAL A 74 -12.14 16.99 1.33
CA VAL A 74 -10.75 17.42 1.37
C VAL A 74 -10.35 17.70 -0.08
N LEU A 75 -9.65 18.83 -0.29
CA LEU A 75 -9.09 19.18 -1.60
C LEU A 75 -7.58 19.00 -1.55
N ILE A 76 -7.01 18.43 -2.62
CA ILE A 76 -5.60 18.13 -2.71
C ILE A 76 -5.11 18.67 -4.04
N ARG A 77 -4.06 19.48 -4.01
CA ARG A 77 -3.41 19.93 -5.23
C ARG A 77 -2.03 19.30 -5.31
N LEU A 78 -1.75 18.70 -6.46
CA LEU A 78 -0.46 18.07 -6.75
C LEU A 78 0.36 18.97 -7.66
N PRO A 79 1.71 18.94 -7.52
CA PRO A 79 2.55 20.05 -8.03
C PRO A 79 2.46 20.32 -9.53
N PHE A 80 2.18 19.28 -10.31
CA PHE A 80 2.10 19.37 -11.78
C PHE A 80 0.71 19.74 -12.33
N ARG A 81 -0.34 19.45 -11.56
CA ARG A 81 -1.71 19.62 -12.04
C ARG A 81 -2.46 20.82 -11.47
N THR A 82 -3.16 21.53 -12.34
CA THR A 82 -3.90 22.74 -11.94
C THR A 82 -5.23 22.42 -11.25
N THR A 83 -5.85 21.30 -11.60
CA THR A 83 -7.14 20.89 -11.04
C THR A 83 -7.00 20.20 -9.67
N PRO A 84 -7.71 20.73 -8.64
CA PRO A 84 -7.75 20.02 -7.35
C PRO A 84 -8.42 18.65 -7.45
N ILE A 85 -7.81 17.65 -6.80
CA ILE A 85 -8.46 16.39 -6.45
C ILE A 85 -9.49 16.74 -5.36
N VAL A 86 -10.72 16.26 -5.51
CA VAL A 86 -11.74 16.53 -4.50
C VAL A 86 -12.12 15.19 -3.89
N LEU A 87 -11.86 14.99 -2.59
CA LEU A 87 -12.19 13.71 -1.94
C LEU A 87 -13.40 13.90 -1.01
N THR A 88 -14.49 13.21 -1.31
CA THR A 88 -15.73 13.33 -0.54
C THR A 88 -15.49 13.00 0.94
N SER A 89 -14.60 12.03 1.18
CA SER A 89 -14.24 11.63 2.52
CA SER A 89 -14.25 11.60 2.52
C SER A 89 -12.87 10.96 2.51
N CYS A 90 -12.14 11.11 3.61
CA CYS A 90 -10.93 10.31 3.77
C CYS A 90 -10.56 10.04 5.21
N LEU A 91 -9.47 9.31 5.39
CA LEU A 91 -9.09 8.87 6.70
C LEU A 91 -8.25 9.95 7.31
N VAL A 92 -8.29 9.99 8.64
CA VAL A 92 -7.55 10.97 9.43
C VAL A 92 -6.70 10.24 10.47
N ASP A 93 -5.41 10.49 10.44
CA ASP A 93 -4.51 9.82 11.34
C ASP A 93 -4.40 10.62 12.63
N THR A 94 -5.13 10.17 13.65
CA THR A 94 -5.12 10.80 14.98
C THR A 94 -3.86 10.52 15.79
N LYS A 95 -3.01 9.62 15.31
CA LYS A 95 -1.79 9.27 16.06
C LYS A 95 -0.45 9.52 15.34
N ASN A 96 -0.12 8.66 14.39
CA ASN A 96 1.24 8.57 13.83
C ASN A 96 1.59 9.56 12.73
N ASN A 97 0.68 10.53 12.51
CA ASN A 97 0.89 11.56 11.50
C ASN A 97 1.27 11.01 10.10
N TRP A 98 0.59 9.93 9.66
CA TRP A 98 0.77 9.36 8.31
C TRP A 98 0.03 10.19 7.27
N ALA A 99 0.70 10.44 6.15
CA ALA A 99 0.10 11.03 4.98
C ALA A 99 0.32 10.09 3.79
N ILE A 100 -0.80 9.64 3.25
CA ILE A 100 -0.81 8.54 2.27
C ILE A 100 -1.82 8.85 1.17
N ILE A 101 -1.33 9.02 -0.06
CA ILE A 101 -2.23 9.19 -1.20
CA ILE A 101 -2.20 9.19 -1.23
C ILE A 101 -2.64 7.82 -1.73
N GLY A 102 -3.93 7.51 -1.61
CA GLY A 102 -4.50 6.21 -2.00
C GLY A 102 -5.21 6.30 -3.34
N ARG A 103 -5.92 5.23 -3.70
CA ARG A 103 -6.47 5.05 -5.04
C ARG A 103 -7.63 5.99 -5.37
N ASP A 104 -8.33 6.50 -4.36
CA ASP A 104 -9.35 7.55 -4.57
C ASP A 104 -8.75 8.80 -5.24
N ALA A 105 -7.63 9.28 -4.72
CA ALA A 105 -6.93 10.43 -5.28
C ALA A 105 -6.22 10.07 -6.59
N LEU A 106 -5.54 8.93 -6.62
CA LEU A 106 -4.83 8.52 -7.83
C LEU A 106 -5.76 8.32 -9.04
N GLN A 107 -6.99 7.89 -8.80
CA GLN A 107 -7.98 7.83 -9.88
C GLN A 107 -8.28 9.20 -10.53
N GLN A 108 -8.48 10.21 -9.70
CA GLN A 108 -8.78 11.56 -10.20
C GLN A 108 -7.57 12.22 -10.84
N CYS A 109 -6.39 11.68 -10.52
CA CYS A 109 -5.10 11.98 -11.17
C CYS A 109 -4.88 11.41 -12.53
N GLN A 110 -5.62 10.33 -12.82
CA GLN A 110 -5.34 9.43 -13.94
C GLN A 110 -4.01 8.66 -13.76
N GLY A 111 -3.69 8.37 -12.49
CA GLY A 111 -2.51 7.60 -12.13
C GLY A 111 -2.70 6.16 -12.55
N VAL A 112 -1.62 5.56 -13.07
CA VAL A 112 -1.59 4.13 -13.41
C VAL A 112 -0.33 3.47 -12.84
N LEU A 113 -0.42 2.15 -12.70
CA LEU A 113 0.74 1.31 -12.54
C LEU A 113 1.15 0.77 -13.90
N TYR A 114 2.44 0.84 -14.22
CA TYR A 114 2.90 0.24 -15.48
C TYR A 114 3.99 -0.82 -15.26
N LEU A 115 3.70 -2.03 -15.70
CA LEU A 115 4.63 -3.16 -15.68
C LEU A 115 4.89 -3.61 -17.12
N PRO A 116 6.11 -3.35 -17.66
CA PRO A 116 6.49 -3.66 -19.06
C PRO A 116 6.22 -5.10 -19.51
N PRO B 1 1.50 -4.72 -18.86
CA PRO B 1 0.24 -4.00 -19.01
C PRO B 1 0.15 -2.73 -18.18
N VAL B 2 -0.79 -1.86 -18.56
CA VAL B 2 -1.13 -0.65 -17.81
C VAL B 2 -2.26 -1.03 -16.85
N ILE B 3 -2.06 -0.75 -15.56
CA ILE B 3 -3.03 -1.08 -14.54
C ILE B 3 -3.67 0.22 -13.98
N PRO B 4 -4.94 0.47 -14.33
CA PRO B 4 -5.61 1.67 -13.85
C PRO B 4 -5.99 1.55 -12.38
N LEU B 5 -6.20 2.70 -11.73
CA LEU B 5 -6.33 2.76 -10.29
C LEU B 5 -7.69 3.31 -9.90
N ASP B 6 -8.39 2.54 -9.06
CA ASP B 6 -9.80 2.78 -8.79
C ASP B 6 -10.02 2.42 -7.32
N PRO B 7 -10.56 3.35 -6.51
CA PRO B 7 -10.73 3.01 -5.06
C PRO B 7 -11.63 1.78 -4.80
N ALA B 8 -12.62 1.57 -5.68
CA ALA B 8 -13.58 0.46 -5.60
C ALA B 8 -13.06 -0.91 -6.11
N ARG B 9 -11.92 -0.92 -6.80
CA ARG B 9 -11.35 -2.14 -7.38
C ARG B 9 -9.85 -2.23 -7.10
N ARG B 10 -9.46 -3.14 -6.20
CA ARG B 10 -8.06 -3.42 -5.84
C ARG B 10 -7.29 -3.87 -7.06
N PRO B 11 -6.08 -3.34 -7.28
CA PRO B 11 -5.27 -3.84 -8.41
C PRO B 11 -4.62 -5.16 -7.98
N VAL B 12 -5.10 -6.26 -8.57
CA VAL B 12 -4.65 -7.61 -8.20
C VAL B 12 -4.04 -8.31 -9.42
N ILE B 13 -3.15 -9.26 -9.18
CA ILE B 13 -2.57 -10.01 -10.27
C ILE B 13 -2.40 -11.49 -9.85
N LYS B 14 -2.43 -12.41 -10.81
CA LYS B 14 -2.07 -13.81 -10.61
C LYS B 14 -0.55 -14.02 -10.66
N ALA B 15 -0.04 -14.66 -9.64
CA ALA B 15 1.38 -14.83 -9.49
C ALA B 15 1.54 -16.29 -9.12
N GLN B 16 2.37 -17.01 -9.87
CA GLN B 16 2.80 -18.34 -9.49
C GLN B 16 3.97 -18.18 -8.52
N VAL B 17 3.81 -18.66 -7.30
CA VAL B 17 4.80 -18.45 -6.27
C VAL B 17 5.43 -19.77 -5.85
N ASP B 18 6.75 -19.80 -5.92
CA ASP B 18 7.52 -20.95 -5.51
C ASP B 18 8.33 -20.61 -4.25
N THR B 19 7.92 -21.24 -3.16
CA THR B 19 8.57 -21.14 -1.87
CA THR B 19 8.60 -21.12 -1.86
C THR B 19 9.87 -21.99 -1.76
N GLN B 20 9.98 -22.98 -2.66
CA GLN B 20 11.08 -23.97 -2.68
C GLN B 20 10.97 -25.04 -1.58
N THR B 21 9.78 -25.17 -0.98
CA THR B 21 9.55 -26.12 0.12
C THR B 21 8.39 -27.03 -0.24
N SER B 22 7.77 -26.77 -1.39
CA SER B 22 6.78 -27.62 -2.05
C SER B 22 6.56 -26.99 -3.41
N HIS B 23 5.73 -27.60 -4.23
CA HIS B 23 5.53 -27.17 -5.63
C HIS B 23 4.94 -25.74 -5.77
N PRO B 24 5.22 -25.07 -6.91
CA PRO B 24 4.65 -23.75 -7.25
C PRO B 24 3.09 -23.65 -7.30
N LYS B 25 2.57 -22.59 -6.70
CA LYS B 25 1.15 -22.38 -6.56
C LYS B 25 0.75 -20.99 -7.03
N THR B 26 -0.49 -20.89 -7.49
CA THR B 26 -1.07 -19.65 -7.98
C THR B 26 -1.80 -18.98 -6.84
N ILE B 27 -1.51 -17.70 -6.63
CA ILE B 27 -2.28 -16.87 -5.73
C ILE B 27 -2.69 -15.57 -6.42
N GLU B 28 -3.65 -14.86 -5.83
CA GLU B 28 -4.06 -13.56 -6.35
C GLU B 28 -3.55 -12.51 -5.36
N ALA B 29 -2.69 -11.64 -5.86
CA ALA B 29 -1.94 -10.75 -5.00
C ALA B 29 -2.32 -9.31 -5.31
N LEU B 30 -2.45 -8.51 -4.25
CA LEU B 30 -2.58 -7.05 -4.33
C LEU B 30 -1.26 -6.41 -4.77
N LEU B 31 -1.31 -5.56 -5.80
CA LEU B 31 -0.12 -4.78 -6.22
C LEU B 31 0.00 -3.50 -5.41
N ASP B 32 1.08 -3.36 -4.66
CA ASP B 32 1.09 -2.38 -3.57
C ASP B 32 2.38 -1.54 -3.46
N THR B 33 2.31 -0.29 -3.92
CA THR B 33 3.49 0.56 -3.92
C THR B 33 3.87 1.09 -2.51
N GLY B 34 2.93 1.00 -1.56
CA GLY B 34 3.22 1.31 -0.15
C GLY B 34 3.79 0.14 0.66
N ALA B 35 4.05 -0.99 0.00
CA ALA B 35 4.66 -2.13 0.72
C ALA B 35 6.17 -2.22 0.44
N ASP B 36 7.00 -2.05 1.47
CA ASP B 36 8.44 -2.19 1.33
C ASP B 36 8.79 -3.59 0.83
N MET B 37 8.04 -4.59 1.31
CA MET B 37 8.42 -5.98 1.09
C MET B 37 7.18 -6.78 0.78
N THR B 38 7.35 -7.79 -0.08
CA THR B 38 6.30 -8.69 -0.52
C THR B 38 5.80 -9.56 0.65
N VAL B 39 4.49 -9.87 0.64
CA VAL B 39 3.82 -10.71 1.65
C VAL B 39 3.16 -11.91 0.96
N ILE B 40 3.46 -13.12 1.41
CA ILE B 40 2.81 -14.30 0.85
C ILE B 40 2.13 -15.07 2.01
N PRO B 41 1.09 -15.88 1.71
CA PRO B 41 0.39 -16.68 2.74
C PRO B 41 1.19 -17.85 3.34
N ILE B 42 1.09 -18.06 4.66
CA ILE B 42 1.64 -19.30 5.28
C ILE B 42 1.11 -20.60 4.65
N ALA B 43 -0.12 -20.52 4.12
CA ALA B 43 -0.79 -21.62 3.43
C ALA B 43 0.01 -22.21 2.26
N LEU B 44 0.95 -21.43 1.71
CA LEU B 44 1.89 -21.95 0.69
C LEU B 44 2.94 -22.92 1.24
N PHE B 45 3.17 -22.89 2.55
CA PHE B 45 4.16 -23.75 3.21
C PHE B 45 3.51 -24.94 3.90
N SER B 46 4.18 -26.08 3.88
CA SER B 46 3.80 -27.22 4.75
C SER B 46 4.16 -26.93 6.21
N SER B 47 3.42 -27.57 7.12
CA SER B 47 3.52 -27.34 8.58
C SER B 47 4.92 -27.05 9.15
N ASN B 48 5.91 -27.87 8.80
CA ASN B 48 7.23 -27.77 9.43
C ASN B 48 8.31 -27.12 8.55
N THR B 49 8.19 -25.79 8.39
CA THR B 49 9.17 -24.99 7.66
C THR B 49 9.85 -24.02 8.63
N PRO B 50 11.20 -23.93 8.58
CA PRO B 50 11.86 -22.96 9.46
C PRO B 50 11.69 -21.53 8.93
N LEU B 51 10.98 -20.71 9.69
CA LEU B 51 10.79 -19.30 9.34
C LEU B 51 11.33 -18.46 10.49
N LYS B 52 11.78 -17.23 10.20
CA LYS B 52 12.28 -16.37 11.26
C LYS B 52 11.18 -15.45 11.80
N ASN B 53 11.25 -15.17 13.09
CA ASN B 53 10.43 -14.16 13.74
C ASN B 53 10.85 -12.79 13.23
N THR B 54 9.88 -11.88 13.16
CA THR B 54 10.12 -10.54 12.62
C THR B 54 9.07 -9.59 13.16
N SER B 55 9.38 -8.31 13.17
CA SER B 55 8.47 -7.29 13.64
C SER B 55 8.15 -6.39 12.44
N VAL B 56 6.86 -6.16 12.18
CA VAL B 56 6.40 -5.44 11.00
C VAL B 56 5.46 -4.31 11.40
N LEU B 57 5.64 -3.12 10.83
CA LEU B 57 4.73 -1.99 11.05
C LEU B 57 3.75 -1.80 9.89
N GLY B 58 2.46 -1.76 10.22
CA GLY B 58 1.41 -1.47 9.27
C GLY B 58 0.41 -0.49 9.86
N ALA B 59 -0.69 -0.25 9.13
CA ALA B 59 -1.78 0.62 9.56
C ALA B 59 -2.55 0.07 10.76
N GLY B 60 -2.56 -1.26 10.90
CA GLY B 60 -3.24 -1.92 12.01
C GLY B 60 -2.47 -1.88 13.32
N GLY B 61 -1.16 -1.61 13.22
CA GLY B 61 -0.27 -1.55 14.38
C GLY B 61 1.10 -2.14 14.08
N GLN B 62 1.94 -2.19 15.10
CA GLN B 62 3.19 -2.92 15.06
C GLN B 62 2.87 -4.34 15.52
N THR B 63 3.34 -5.34 14.77
CA THR B 63 3.13 -6.72 15.21
C THR B 63 4.41 -7.54 15.18
N GLN B 64 4.65 -8.29 16.25
CA GLN B 64 5.82 -9.20 16.30
C GLN B 64 5.43 -10.65 16.01
N ASP B 65 4.13 -10.92 15.85
CA ASP B 65 3.66 -12.30 15.69
C ASP B 65 2.92 -12.67 14.40
N HIS B 66 2.27 -11.70 13.75
CA HIS B 66 1.47 -11.99 12.56
C HIS B 66 2.33 -12.46 11.37
N PHE B 67 3.52 -11.88 11.23
CA PHE B 67 4.37 -12.14 10.08
C PHE B 67 5.69 -12.80 10.46
N LYS B 68 6.13 -13.73 9.61
CA LYS B 68 7.46 -14.31 9.72
C LYS B 68 8.28 -13.98 8.45
N LEU B 69 9.59 -14.16 8.51
CA LEU B 69 10.47 -14.01 7.33
C LEU B 69 10.82 -15.39 6.79
N THR B 70 10.89 -15.53 5.46
CA THR B 70 11.35 -16.77 4.81
C THR B 70 12.84 -17.03 5.09
N SER B 71 13.23 -18.30 5.12
CA SER B 71 14.66 -18.67 5.23
C SER B 71 15.33 -18.71 3.84
N LEU B 72 14.55 -19.09 2.82
CA LEU B 72 15.05 -19.28 1.47
C LEU B 72 14.48 -18.26 0.49
N PRO B 73 15.20 -17.97 -0.61
CA PRO B 73 14.55 -17.08 -1.60
C PRO B 73 13.19 -17.60 -2.11
N VAL B 74 12.36 -16.67 -2.59
CA VAL B 74 11.03 -16.96 -3.11
C VAL B 74 11.04 -16.64 -4.61
N LEU B 75 10.50 -17.53 -5.42
CA LEU B 75 10.49 -17.29 -6.87
C LEU B 75 9.08 -16.93 -7.27
N ILE B 76 8.92 -15.89 -8.08
CA ILE B 76 7.59 -15.42 -8.44
C ILE B 76 7.52 -15.22 -9.95
N ARG B 77 6.57 -15.88 -10.58
CA ARG B 77 6.35 -15.75 -12.02
C ARG B 77 5.04 -15.00 -12.23
N LEU B 78 5.10 -13.89 -12.96
CA LEU B 78 3.92 -13.13 -13.35
C LEU B 78 3.46 -13.58 -14.74
N PRO B 79 2.19 -13.31 -15.11
CA PRO B 79 1.70 -13.91 -16.38
C PRO B 79 2.45 -13.42 -17.64
N PHE B 80 2.87 -12.16 -17.63
CA PHE B 80 3.42 -11.46 -18.81
C PHE B 80 4.97 -11.40 -18.84
N ARG B 81 5.62 -12.01 -17.85
CA ARG B 81 7.08 -12.11 -17.80
C ARG B 81 7.47 -13.58 -17.79
N THR B 82 8.49 -13.95 -18.57
CA THR B 82 9.02 -15.33 -18.56
C THR B 82 10.09 -15.56 -17.48
N THR B 83 10.92 -14.54 -17.23
CA THR B 83 11.93 -14.59 -16.17
C THR B 83 11.31 -14.47 -14.77
N PRO B 84 11.64 -15.41 -13.87
CA PRO B 84 11.18 -15.32 -12.47
C PRO B 84 11.76 -14.12 -11.72
N ILE B 85 10.92 -13.48 -10.91
CA ILE B 85 11.36 -12.55 -9.88
C ILE B 85 11.89 -13.47 -8.77
N VAL B 86 13.04 -13.13 -8.20
CA VAL B 86 13.64 -13.91 -7.10
C VAL B 86 13.84 -12.96 -5.92
N LEU B 87 13.09 -13.16 -4.85
CA LEU B 87 13.20 -12.31 -3.68
C LEU B 87 14.07 -13.03 -2.70
N THR B 88 15.12 -12.36 -2.22
CA THR B 88 16.05 -13.01 -1.30
C THR B 88 15.33 -13.46 -0.04
N SER B 89 14.45 -12.60 0.45
CA SER B 89 13.51 -12.95 1.52
C SER B 89 12.23 -12.17 1.29
N CYS B 90 11.13 -12.68 1.84
CA CYS B 90 9.93 -11.84 1.98
C CYS B 90 9.11 -12.17 3.23
N LEU B 91 7.99 -11.48 3.40
CA LEU B 91 7.16 -11.66 4.57
C LEU B 91 6.18 -12.80 4.32
N VAL B 92 5.86 -13.49 5.42
CA VAL B 92 4.93 -14.60 5.43
C VAL B 92 3.83 -14.28 6.43
N ASP B 93 2.61 -14.13 5.93
CA ASP B 93 1.47 -13.80 6.77
C ASP B 93 0.90 -15.06 7.38
N THR B 94 1.11 -15.25 8.68
CA THR B 94 0.62 -16.42 9.35
C THR B 94 -0.83 -16.26 9.83
N LYS B 95 -1.32 -15.03 9.85
CA LYS B 95 -2.60 -14.71 10.51
C LYS B 95 -3.79 -14.76 9.55
N ASN B 96 -3.68 -14.03 8.43
CA ASN B 96 -4.78 -13.86 7.50
C ASN B 96 -4.49 -14.40 6.11
N ASN B 97 -3.26 -14.84 5.86
CA ASN B 97 -2.91 -15.37 4.56
C ASN B 97 -3.16 -14.36 3.39
N TRP B 98 -2.73 -13.12 3.60
CA TRP B 98 -2.67 -12.10 2.56
C TRP B 98 -1.55 -12.34 1.56
N ALA B 99 -1.74 -11.80 0.36
CA ALA B 99 -0.83 -11.90 -0.76
C ALA B 99 -0.67 -10.50 -1.30
N ILE B 100 0.53 -9.94 -1.17
CA ILE B 100 0.79 -8.54 -1.50
C ILE B 100 2.11 -8.45 -2.25
N ILE B 101 2.08 -8.03 -3.52
CA ILE B 101 3.32 -7.76 -4.27
C ILE B 101 3.79 -6.35 -3.92
N GLY B 102 4.97 -6.26 -3.32
CA GLY B 102 5.53 -5.00 -2.90
C GLY B 102 6.63 -4.51 -3.85
N ARG B 103 7.28 -3.42 -3.45
CA ARG B 103 8.26 -2.73 -4.29
C ARG B 103 9.51 -3.57 -4.58
N ASP B 104 9.83 -4.51 -3.68
CA ASP B 104 10.94 -5.43 -3.94
C ASP B 104 10.68 -6.15 -5.27
N ALA B 105 9.50 -6.76 -5.42
CA ALA B 105 9.21 -7.51 -6.64
C ALA B 105 8.99 -6.56 -7.81
N LEU B 106 8.33 -5.43 -7.55
CA LEU B 106 8.01 -4.46 -8.62
C LEU B 106 9.26 -3.80 -9.23
N GLN B 107 10.28 -3.54 -8.41
CA GLN B 107 11.59 -3.12 -8.95
C GLN B 107 12.18 -4.11 -9.98
N GLN B 108 12.14 -5.40 -9.64
CA GLN B 108 12.71 -6.44 -10.50
C GLN B 108 11.96 -6.63 -11.83
N CYS B 109 10.69 -6.24 -11.91
CA CYS B 109 10.05 -6.28 -13.22
C CYS B 109 9.85 -4.91 -13.83
N GLN B 110 10.63 -3.95 -13.31
CA GLN B 110 10.64 -2.56 -13.78
C GLN B 110 9.26 -1.86 -13.75
N GLY B 111 8.48 -2.16 -12.72
CA GLY B 111 7.22 -1.49 -12.46
C GLY B 111 7.45 -0.02 -12.12
N VAL B 112 6.58 0.84 -12.63
CA VAL B 112 6.57 2.25 -12.31
C VAL B 112 5.15 2.67 -11.97
N LEU B 113 5.06 3.76 -11.20
CA LEU B 113 3.86 4.57 -11.10
C LEU B 113 3.94 5.69 -12.12
N TYR B 114 2.83 5.92 -12.82
CA TYR B 114 2.81 7.00 -13.79
C TYR B 114 1.65 7.95 -13.56
N LEU B 115 1.98 9.20 -13.21
CA LEU B 115 1.01 10.29 -13.05
C LEU B 115 1.18 11.30 -14.19
N PRO B 116 0.18 11.41 -15.08
CA PRO B 116 0.27 12.32 -16.24
C PRO B 116 0.66 13.75 -15.82
#